data_3W1G
#
_entry.id   3W1G
#
_cell.length_a   68.260
_cell.length_b   105.480
_cell.length_c   121.080
_cell.angle_alpha   90.00
_cell.angle_beta   90.00
_cell.angle_gamma   90.00
#
_symmetry.space_group_name_H-M   'P 2 21 21'
#
loop_
_entity.id
_entity.type
_entity.pdbx_description
1 polymer 'DNA ligase 4'
2 polymer 'Artemis-derived peptide'
3 non-polymer "ADENOSINE-5'-TRIPHOSPHATE"
4 non-polymer 'SULFATE ION'
5 water water
#
loop_
_entity_poly.entity_id
_entity_poly.type
_entity_poly.pdbx_seq_one_letter_code
_entity_poly.pdbx_strand_id
1 'polypeptide(L)'
;TMAASQTSQTVASHVPFADLCSTLERIQKSKGRAEKIRHFREFLDSWRKFHDALHKNHKDVTDSFYPAMRLILPQLERER
MAYGIKETMLAKLYIELLNLPRDGKDALKLLNYRTPTGTHGDAGDFAMIAYFVLKPRCLQKGSLTIQQVNDLLDSIASNN
SAKRKDLIKKSLLQLITQSSALEQKWLIRMIIKDLKLGVSQQTIFSVFHNDAAELHNVTTDLEKVCRQLHDPSVGLSDIS
ITLFSAFKPMLAAIADIEHIEKDMKHQSFYIETKLDGERMQMHKDGDVYKYFSRNGYNYTDQFGASPTEGSLTPFIHNAF
KADIQICILDGEMMAYNPNTQTFMQKGTKFDIKRMVEDSDLQTCYCVFDVLMVNNKKLGHETLRKRYEILSSIFTPIPGR
IEIVQKTQAHTKNEVIDALNEAIDKREEGIMVKQPLSIYKPDKRGEGWLKIKPEYVSGLMDELDILIVGGYWGKGSRGGM
MSHFLCAVAEKPPPGEKPSVFHTLSRVGSGCTMKELYDLGLKLAKYWKPFHRKAPPSSILCGTEKPEVYIEPCNSVIVQI
KAAEIVPSDMYKTGCTLRFPRIEKIRDDKEWHECMTLDDLEQLRGKASGK
;
A
2 'polypeptide(L)' DVPQWEVFFKR B
#
loop_
_chem_comp.id
_chem_comp.type
_chem_comp.name
_chem_comp.formula
ATP non-polymer ADENOSINE-5'-TRIPHOSPHATE 'C10 H16 N5 O13 P3'
SO4 non-polymer 'SULFATE ION' 'O4 S -2'
#
# COMPACT_ATOMS: atom_id res chain seq x y z
N THR A 7 42.58 -1.93 -4.47
CA THR A 7 42.07 -2.73 -5.57
C THR A 7 40.66 -3.25 -5.31
N SER A 8 39.66 -2.39 -5.43
CA SER A 8 38.28 -2.78 -5.21
C SER A 8 38.08 -3.33 -3.80
N GLN A 9 38.77 -2.72 -2.85
CA GLN A 9 38.69 -3.16 -1.47
C GLN A 9 37.48 -2.58 -0.76
N THR A 10 37.00 -3.29 0.23
CA THR A 10 35.80 -2.87 0.95
C THR A 10 35.92 -3.07 2.46
N VAL A 11 35.27 -2.21 3.23
CA VAL A 11 35.30 -2.34 4.68
C VAL A 11 34.57 -3.61 5.16
N ALA A 12 33.42 -3.91 4.55
CA ALA A 12 32.67 -5.08 4.95
C ALA A 12 33.46 -6.38 4.85
N SER A 13 34.48 -6.39 4.00
CA SER A 13 35.28 -7.61 3.77
C SER A 13 36.28 -7.85 4.89
N HIS A 14 36.37 -6.91 5.82
CA HIS A 14 37.28 -7.00 6.95
C HIS A 14 36.56 -7.09 8.30
N VAL A 15 35.27 -6.77 8.32
CA VAL A 15 34.53 -6.81 9.57
C VAL A 15 33.78 -8.11 9.76
N PRO A 16 34.16 -8.87 10.80
CA PRO A 16 33.45 -10.09 11.16
C PRO A 16 32.00 -9.73 11.35
N PHE A 17 31.09 -10.54 10.82
CA PHE A 17 29.67 -10.41 11.09
C PHE A 17 29.44 -10.44 12.61
N ALA A 18 30.32 -11.15 13.30
CA ALA A 18 30.27 -11.22 14.77
C ALA A 18 30.32 -9.84 15.43
N ASP A 19 31.14 -8.94 14.87
CA ASP A 19 31.26 -7.58 15.41
C ASP A 19 29.98 -6.81 15.17
N LEU A 20 29.35 -7.01 14.02
CA LEU A 20 28.03 -6.47 13.81
C LEU A 20 27.01 -7.03 14.84
N CYS A 21 26.94 -8.35 14.97
CA CYS A 21 25.93 -8.95 15.85
C CYS A 21 26.10 -8.67 17.33
N SER A 22 27.32 -8.45 17.76
CA SER A 22 27.53 -8.18 19.16
C SER A 22 27.02 -6.77 19.41
N THR A 23 27.19 -5.90 18.42
CA THR A 23 26.69 -4.55 18.53
C THR A 23 25.16 -4.56 18.62
N LEU A 24 24.53 -5.39 17.79
CA LEU A 24 23.06 -5.50 17.82
C LEU A 24 22.57 -6.05 19.15
N GLU A 25 23.22 -7.11 19.59
CA GLU A 25 22.90 -7.69 20.89
C GLU A 25 22.97 -6.59 21.99
N ARG A 26 24.10 -5.89 22.08
CA ARG A 26 24.27 -4.81 23.06
CA ARG A 26 24.25 -4.84 23.08
C ARG A 26 23.13 -3.81 22.97
N ILE A 27 22.77 -3.43 21.75
CA ILE A 27 21.71 -2.45 21.53
C ILE A 27 20.36 -2.98 21.99
N GLN A 28 20.00 -4.18 21.56
CA GLN A 28 18.73 -4.76 21.95
C GLN A 28 18.68 -4.89 23.48
N LYS A 29 19.76 -5.35 24.08
CA LYS A 29 19.76 -5.58 25.52
C LYS A 29 19.87 -4.29 26.34
N SER A 30 20.19 -3.18 25.67
CA SER A 30 20.28 -1.88 26.34
C SER A 30 18.93 -1.31 26.71
N LYS A 31 18.84 -0.76 27.92
CA LYS A 31 17.59 -0.24 28.43
C LYS A 31 17.14 1.02 27.67
N GLY A 32 17.93 2.08 27.78
CA GLY A 32 17.53 3.39 27.31
C GLY A 32 17.91 3.76 25.89
N ARG A 33 17.27 4.80 25.38
CA ARG A 33 17.53 5.28 24.02
C ARG A 33 18.99 5.69 23.90
N ALA A 34 19.47 6.40 24.91
CA ALA A 34 20.82 6.95 24.87
C ALA A 34 21.87 5.85 24.76
N GLU A 35 21.69 4.78 25.53
CA GLU A 35 22.66 3.70 25.55
C GLU A 35 22.62 2.97 24.23
N LYS A 36 21.41 2.70 23.77
CA LYS A 36 21.22 2.05 22.48
C LYS A 36 21.94 2.84 21.41
N ILE A 37 21.74 4.14 21.41
CA ILE A 37 22.40 4.99 20.42
C ILE A 37 23.92 4.90 20.55
N ARG A 38 24.42 5.05 21.78
CA ARG A 38 25.86 4.95 22.05
C ARG A 38 26.54 3.72 21.41
N HIS A 39 25.96 2.55 21.61
CA HIS A 39 26.52 1.33 21.06
C HIS A 39 26.56 1.39 19.54
N PHE A 40 25.55 2.00 18.93
CA PHE A 40 25.54 2.11 17.49
C PHE A 40 26.61 3.09 17.01
N ARG A 41 26.69 4.25 17.62
CA ARG A 41 27.71 5.23 17.23
C ARG A 41 29.10 4.63 17.30
N GLU A 42 29.34 3.77 18.28
CA GLU A 42 30.66 3.18 18.47
C GLU A 42 31.05 2.27 17.31
N PHE A 43 30.13 1.40 16.91
CA PHE A 43 30.36 0.57 15.73
C PHE A 43 30.54 1.43 14.47
N LEU A 44 29.63 2.39 14.27
CA LEU A 44 29.69 3.29 13.12
C LEU A 44 31.01 4.06 13.04
N ASP A 45 31.45 4.61 14.16
CA ASP A 45 32.67 5.42 14.15
C ASP A 45 33.92 4.61 13.83
N SER A 46 33.92 3.35 14.26
CA SER A 46 35.05 2.48 13.97
C SER A 46 35.05 2.26 12.47
N TRP A 47 33.86 1.96 11.94
CA TRP A 47 33.71 1.78 10.51
C TRP A 47 34.26 2.95 9.73
N ARG A 48 33.78 4.15 10.06
CA ARG A 48 34.20 5.33 9.34
C ARG A 48 35.71 5.60 9.45
N LYS A 49 36.29 5.43 10.64
CA LYS A 49 37.74 5.63 10.81
C LYS A 49 38.56 4.56 10.08
N PHE A 50 38.07 3.32 10.10
CA PHE A 50 38.74 2.23 9.39
C PHE A 50 38.66 2.52 7.90
N HIS A 51 37.51 2.99 7.46
CA HIS A 51 37.30 3.37 6.07
C HIS A 51 38.36 4.39 5.61
N ASP A 52 38.60 5.42 6.39
CA ASP A 52 39.57 6.42 6.03
C ASP A 52 40.95 5.81 5.93
N ALA A 53 41.23 4.87 6.81
CA ALA A 53 42.54 4.22 6.82
C ALA A 53 42.67 3.31 5.60
N LEU A 54 41.64 2.51 5.37
CA LEU A 54 41.62 1.58 4.26
C LEU A 54 41.77 2.29 2.91
N HIS A 55 41.18 3.47 2.77
CA HIS A 55 41.12 4.13 1.47
C HIS A 55 41.96 5.42 1.35
N LYS A 56 42.85 5.68 2.30
CA LYS A 56 43.63 6.93 2.27
C LYS A 56 44.31 7.15 0.93
N ASN A 57 44.93 6.11 0.40
CA ASN A 57 45.59 6.21 -0.89
C ASN A 57 44.61 6.03 -2.05
N HIS A 58 43.55 5.28 -1.82
CA HIS A 58 42.56 4.98 -2.86
C HIS A 58 41.88 6.22 -3.43
N LYS A 59 41.43 6.12 -4.68
CA LYS A 59 40.80 7.25 -5.37
C LYS A 59 39.39 6.92 -5.87
N ASP A 60 38.44 7.85 -5.65
CA ASP A 60 37.05 7.70 -6.09
C ASP A 60 36.45 6.39 -5.65
N VAL A 61 36.07 6.30 -4.39
CA VAL A 61 35.63 5.03 -3.84
C VAL A 61 34.11 4.97 -3.67
N THR A 62 33.53 3.82 -3.98
CA THR A 62 32.10 3.64 -3.85
C THR A 62 31.73 2.90 -2.58
N ASP A 63 32.75 2.44 -1.85
CA ASP A 63 32.59 1.68 -0.61
C ASP A 63 31.93 2.52 0.49
N SER A 64 31.09 1.89 1.30
CA SER A 64 30.36 2.63 2.33
C SER A 64 29.87 1.73 3.47
N PHE A 65 29.08 2.31 4.37
CA PHE A 65 28.46 1.58 5.47
C PHE A 65 27.32 0.64 5.01
N TYR A 66 26.91 0.79 3.75
CA TYR A 66 25.76 0.07 3.21
C TYR A 66 25.66 -1.44 3.54
N PRO A 67 26.75 -2.21 3.37
CA PRO A 67 26.66 -3.64 3.70
C PRO A 67 26.21 -3.90 5.14
N ALA A 68 26.48 -2.95 6.01
CA ALA A 68 26.02 -3.07 7.39
C ALA A 68 24.62 -2.49 7.48
N MET A 69 24.45 -1.32 6.86
CA MET A 69 23.20 -0.59 7.00
C MET A 69 22.05 -1.46 6.62
N ARG A 70 22.25 -2.30 5.60
CA ARG A 70 21.14 -3.08 5.06
C ARG A 70 20.74 -4.25 5.96
N LEU A 71 21.67 -4.68 6.81
CA LEU A 71 21.41 -5.75 7.77
C LEU A 71 20.78 -5.17 9.04
N ILE A 72 21.07 -3.90 9.30
CA ILE A 72 20.56 -3.20 10.46
C ILE A 72 19.14 -2.71 10.18
N LEU A 73 18.87 -2.40 8.93
CA LEU A 73 17.55 -1.99 8.55
C LEU A 73 17.12 -2.88 7.43
N PRO A 74 16.84 -4.12 7.76
CA PRO A 74 16.47 -5.15 6.79
C PRO A 74 15.16 -4.82 6.07
N GLN A 75 14.28 -4.10 6.72
CA GLN A 75 13.02 -3.72 6.13
C GLN A 75 13.20 -2.82 4.92
N LEU A 76 14.32 -2.13 4.84
CA LEU A 76 14.60 -1.22 3.74
C LEU A 76 15.41 -1.77 2.58
N GLU A 77 15.76 -3.05 2.64
CA GLU A 77 16.47 -3.70 1.54
C GLU A 77 15.65 -3.61 0.24
N ARG A 78 16.25 -3.10 -0.82
CA ARG A 78 15.56 -3.00 -2.11
C ARG A 78 16.33 -3.66 -3.24
N GLU A 79 17.64 -3.79 -3.06
CA GLU A 79 18.49 -4.42 -4.07
C GLU A 79 18.24 -5.92 -4.16
N ARG A 80 18.03 -6.53 -3.02
CA ARG A 80 17.84 -7.95 -2.92
C ARG A 80 16.33 -8.19 -3.00
N MET A 81 15.92 -9.21 -3.75
CA MET A 81 14.52 -9.61 -3.76
C MET A 81 14.18 -10.43 -2.51
N ALA A 82 12.97 -10.98 -2.46
CA ALA A 82 12.49 -11.74 -1.32
C ALA A 82 13.28 -13.03 -1.10
N TYR A 83 13.52 -13.36 0.17
CA TYR A 83 14.19 -14.61 0.53
C TYR A 83 13.27 -15.82 0.36
N GLY A 84 11.99 -15.65 0.63
CA GLY A 84 11.06 -16.76 0.58
C GLY A 84 11.35 -17.83 1.63
N ILE A 85 11.81 -17.42 2.80
CA ILE A 85 12.14 -18.38 3.84
C ILE A 85 11.14 -18.32 5.00
N LYS A 86 10.43 -19.41 5.20
CA LYS A 86 9.44 -19.51 6.28
C LYS A 86 10.10 -19.94 7.60
N GLU A 87 9.54 -19.48 8.72
CA GLU A 87 9.95 -19.95 10.05
C GLU A 87 9.91 -21.48 10.12
N THR A 88 8.90 -22.07 9.51
CA THR A 88 8.79 -23.51 9.51
C THR A 88 9.87 -24.20 8.66
N MET A 89 10.30 -23.54 7.58
CA MET A 89 11.37 -24.10 6.76
C MET A 89 12.69 -24.10 7.53
N LEU A 90 12.92 -23.07 8.33
CA LEU A 90 14.13 -23.02 9.15
C LEU A 90 14.12 -24.10 10.20
N ALA A 91 12.95 -24.24 10.82
CA ALA A 91 12.77 -25.24 11.84
C ALA A 91 13.28 -26.57 11.30
N LYS A 92 12.80 -26.94 10.13
CA LYS A 92 13.14 -28.24 9.55
C LYS A 92 14.65 -28.38 9.30
N LEU A 93 15.23 -27.34 8.71
CA LEU A 93 16.66 -27.34 8.45
C LEU A 93 17.40 -27.52 9.76
N TYR A 94 16.99 -26.77 10.79
CA TYR A 94 17.65 -26.81 12.09
C TYR A 94 17.47 -28.15 12.79
N ILE A 95 16.28 -28.74 12.66
CA ILE A 95 16.04 -30.04 13.27
C ILE A 95 16.94 -31.11 12.65
N GLU A 96 16.98 -31.16 11.32
CA GLU A 96 17.84 -32.12 10.61
C GLU A 96 19.30 -31.88 10.96
N LEU A 97 19.74 -30.64 10.74
CA LEU A 97 21.14 -30.28 10.93
C LEU A 97 21.65 -30.45 12.36
N LEU A 98 20.87 -30.03 13.35
CA LEU A 98 21.31 -30.11 14.74
C LEU A 98 21.14 -31.52 15.27
N ASN A 99 20.52 -32.37 14.46
CA ASN A 99 20.17 -33.73 14.84
C ASN A 99 19.35 -33.87 16.11
N LEU A 100 18.28 -33.09 16.22
CA LEU A 100 17.43 -33.12 17.40
C LEU A 100 16.54 -34.36 17.39
N PRO A 101 16.11 -34.85 18.57
CA PRO A 101 15.09 -35.89 18.60
C PRO A 101 13.87 -35.37 17.87
N ARG A 102 13.42 -36.10 16.86
CA ARG A 102 12.41 -35.56 15.95
C ARG A 102 11.06 -35.41 16.64
N ASP A 103 10.88 -36.09 17.77
CA ASP A 103 9.63 -36.04 18.54
C ASP A 103 9.80 -35.29 19.87
N GLY A 104 10.98 -34.71 20.08
CA GLY A 104 11.27 -34.04 21.34
C GLY A 104 10.70 -32.64 21.43
N LYS A 105 10.72 -32.08 22.64
CA LYS A 105 10.19 -30.73 22.85
C LYS A 105 10.88 -29.67 21.97
N ASP A 106 12.15 -29.83 21.67
CA ASP A 106 12.84 -28.77 20.92
C ASP A 106 12.35 -28.73 19.49
N ALA A 107 12.35 -29.89 18.84
CA ALA A 107 11.86 -30.00 17.47
C ALA A 107 10.45 -29.42 17.37
N LEU A 108 9.56 -29.86 18.25
CA LEU A 108 8.18 -29.45 18.22
C LEU A 108 7.99 -27.95 18.49
N LYS A 109 8.85 -27.39 19.34
CA LYS A 109 8.70 -25.99 19.69
C LYS A 109 9.06 -25.09 18.51
N LEU A 110 10.06 -25.51 17.72
CA LEU A 110 10.41 -24.81 16.49
C LEU A 110 9.31 -24.96 15.43
N LEU A 111 8.83 -26.20 15.26
CA LEU A 111 7.76 -26.49 14.30
C LEU A 111 6.48 -25.75 14.64
N ASN A 112 5.95 -25.96 15.84
CA ASN A 112 4.66 -25.40 16.18
C ASN A 112 4.74 -23.92 16.57
N TYR A 113 5.89 -23.32 16.34
CA TYR A 113 6.03 -21.88 16.60
C TYR A 113 4.92 -21.08 15.93
N ARG A 114 4.36 -20.12 16.64
CA ARG A 114 3.33 -19.24 16.06
C ARG A 114 3.77 -17.78 16.03
N THR A 115 3.65 -17.09 17.17
CA THR A 115 3.99 -15.68 17.28
C THR A 115 4.00 -15.23 18.74
N GLY A 124 8.42 -13.55 22.33
CA GLY A 124 9.53 -14.39 21.90
C GLY A 124 9.45 -14.69 20.41
N ASP A 125 10.27 -14.01 19.64
CA ASP A 125 10.28 -14.22 18.22
C ASP A 125 10.92 -15.55 17.93
N PHE A 126 10.80 -15.99 16.69
CA PHE A 126 11.31 -17.29 16.32
C PHE A 126 12.79 -17.31 16.57
N ALA A 127 13.46 -16.19 16.35
CA ALA A 127 14.88 -16.14 16.48
C ALA A 127 15.33 -16.50 17.86
N MET A 128 14.61 -16.01 18.86
CA MET A 128 14.89 -16.36 20.24
C MET A 128 14.64 -17.81 20.61
N ILE A 129 13.55 -18.39 20.10
CA ILE A 129 13.24 -19.78 20.35
C ILE A 129 14.34 -20.59 19.70
N ALA A 130 14.73 -20.19 18.51
CA ALA A 130 15.83 -20.85 17.81
C ALA A 130 17.15 -20.69 18.58
N TYR A 131 17.38 -19.49 19.11
CA TYR A 131 18.59 -19.24 19.86
C TYR A 131 18.77 -20.18 21.04
N PHE A 132 17.70 -20.39 21.81
CA PHE A 132 17.80 -21.21 23.02
C PHE A 132 17.99 -22.68 22.74
N VAL A 133 17.58 -23.12 21.56
CA VAL A 133 17.90 -24.47 21.13
C VAL A 133 19.35 -24.56 20.69
N LEU A 134 19.80 -23.54 19.97
CA LEU A 134 21.15 -23.48 19.42
C LEU A 134 22.25 -23.34 20.46
N LYS A 135 22.03 -22.47 21.44
CA LYS A 135 23.07 -22.10 22.39
C LYS A 135 23.79 -23.27 23.09
N PRO A 136 23.03 -24.29 23.54
CA PRO A 136 23.77 -25.41 24.16
C PRO A 136 24.47 -26.31 23.15
N ARG A 137 24.04 -26.24 21.90
CA ARG A 137 24.44 -27.21 20.87
C ARG A 137 25.43 -26.64 19.85
N CYS A 138 25.45 -25.32 19.72
CA CYS A 138 26.20 -24.69 18.66
C CYS A 138 27.23 -23.76 19.26
N LEU A 139 28.41 -24.31 19.54
CA LEU A 139 29.45 -23.59 20.25
C LEU A 139 30.50 -22.93 19.36
N GLN A 140 30.44 -23.17 18.05
CA GLN A 140 31.46 -22.65 17.14
C GLN A 140 31.57 -21.14 17.22
N LYS A 141 32.78 -20.63 17.03
CA LYS A 141 32.97 -19.21 16.80
C LYS A 141 32.65 -18.88 15.33
N GLY A 142 32.07 -17.71 15.09
CA GLY A 142 31.75 -17.28 13.73
C GLY A 142 32.95 -17.09 12.82
N SER A 143 32.73 -17.22 11.52
CA SER A 143 33.83 -17.18 10.55
C SER A 143 33.66 -16.15 9.45
N LEU A 144 32.45 -15.62 9.31
CA LEU A 144 32.10 -14.83 8.14
C LEU A 144 32.20 -13.34 8.37
N THR A 145 32.70 -12.64 7.36
CA THR A 145 32.63 -11.18 7.31
C THR A 145 31.19 -10.73 7.03
N ILE A 146 30.91 -9.47 7.31
CA ILE A 146 29.65 -8.87 6.86
C ILE A 146 29.47 -9.04 5.35
N GLN A 147 30.56 -8.90 4.60
CA GLN A 147 30.46 -9.04 3.18
C GLN A 147 30.04 -10.45 2.78
N GLN A 148 30.59 -11.44 3.47
CA GLN A 148 30.27 -12.81 3.12
C GLN A 148 28.82 -13.12 3.44
N VAL A 149 28.32 -12.58 4.55
CA VAL A 149 26.92 -12.74 4.91
C VAL A 149 26.03 -12.16 3.81
N ASN A 150 26.39 -10.98 3.32
CA ASN A 150 25.65 -10.41 2.21
C ASN A 150 25.68 -11.29 0.96
N ASP A 151 26.83 -11.91 0.66
CA ASP A 151 26.96 -12.80 -0.50
C ASP A 151 25.98 -13.97 -0.38
N LEU A 152 25.91 -14.53 0.82
CA LEU A 152 25.04 -15.66 1.04
C LEU A 152 23.57 -15.26 0.99
N LEU A 153 23.22 -14.10 1.54
CA LEU A 153 21.82 -13.65 1.49
C LEU A 153 21.41 -13.36 0.05
N ASP A 154 22.31 -12.74 -0.71
CA ASP A 154 22.12 -12.54 -2.15
C ASP A 154 21.82 -13.88 -2.81
N SER A 155 22.52 -14.92 -2.37
CA SER A 155 22.39 -16.22 -3.00
C SER A 155 21.00 -16.77 -2.77
N ILE A 156 20.53 -16.58 -1.55
CA ILE A 156 19.22 -17.07 -1.16
C ILE A 156 18.12 -16.39 -1.97
N ALA A 157 18.20 -15.07 -2.08
CA ALA A 157 17.20 -14.30 -2.82
C ALA A 157 17.18 -14.66 -4.30
N SER A 158 18.37 -14.65 -4.89
CA SER A 158 18.56 -15.03 -6.30
C SER A 158 18.01 -16.44 -6.58
N ASN A 159 18.32 -17.39 -5.71
CA ASN A 159 17.84 -18.75 -5.93
C ASN A 159 16.37 -18.93 -5.58
N ASN A 160 15.87 -18.07 -4.69
CA ASN A 160 14.43 -18.01 -4.46
C ASN A 160 13.69 -17.60 -5.72
N SER A 161 14.13 -16.49 -6.30
CA SER A 161 13.56 -16.02 -7.56
C SER A 161 13.55 -17.10 -8.64
N ALA A 162 14.54 -17.99 -8.60
CA ALA A 162 14.67 -19.03 -9.60
C ALA A 162 14.02 -20.34 -9.16
N LYS A 163 13.41 -20.34 -7.98
CA LYS A 163 12.76 -21.52 -7.43
C LYS A 163 13.75 -22.68 -7.32
N ARG A 164 15.03 -22.34 -7.15
CA ARG A 164 16.07 -23.34 -6.97
C ARG A 164 16.21 -23.67 -5.50
N LYS A 165 15.28 -24.48 -4.99
CA LYS A 165 15.18 -24.75 -3.56
C LYS A 165 16.47 -25.30 -2.95
N ASP A 166 17.11 -26.24 -3.66
CA ASP A 166 18.31 -26.89 -3.17
C ASP A 166 19.43 -25.89 -2.94
N LEU A 167 19.73 -25.06 -3.94
CA LEU A 167 20.76 -24.03 -3.78
C LEU A 167 20.45 -23.11 -2.62
N ILE A 168 19.15 -22.91 -2.35
CA ILE A 168 18.74 -22.09 -1.22
C ILE A 168 19.19 -22.75 0.07
N LYS A 169 18.95 -24.06 0.17
CA LYS A 169 19.34 -24.81 1.36
C LYS A 169 20.85 -24.69 1.58
N LYS A 170 21.60 -24.84 0.50
CA LYS A 170 23.05 -24.78 0.56
C LYS A 170 23.63 -23.42 0.96
N SER A 171 22.97 -22.33 0.56
CA SER A 171 23.39 -21.01 1.02
C SER A 171 23.13 -20.88 2.52
N LEU A 172 21.97 -21.34 2.95
CA LEU A 172 21.57 -21.31 4.36
C LEU A 172 22.51 -22.12 5.21
N LEU A 173 22.92 -23.27 4.67
CA LEU A 173 23.74 -24.19 5.43
C LEU A 173 25.13 -23.58 5.60
N GLN A 174 25.50 -22.69 4.69
CA GLN A 174 26.78 -22.00 4.83
C GLN A 174 26.66 -20.88 5.83
N LEU A 175 25.50 -20.27 5.93
CA LEU A 175 25.28 -19.23 6.92
C LEU A 175 25.27 -19.80 8.33
N ILE A 176 24.59 -20.92 8.49
CA ILE A 176 24.39 -21.53 9.79
C ILE A 176 25.69 -22.19 10.32
N THR A 177 26.25 -23.10 9.55
CA THR A 177 27.41 -23.85 10.01
C THR A 177 28.63 -22.95 10.12
N GLN A 178 28.60 -21.80 9.49
CA GLN A 178 29.73 -20.89 9.60
C GLN A 178 29.55 -19.81 10.65
N SER A 179 28.40 -19.75 11.29
CA SER A 179 28.16 -18.71 12.27
C SER A 179 28.00 -19.21 13.71
N SER A 180 28.24 -18.35 14.67
CA SER A 180 27.96 -18.70 16.07
C SER A 180 26.47 -18.73 16.32
N ALA A 181 26.10 -19.24 17.49
CA ALA A 181 24.70 -19.27 17.89
C ALA A 181 24.12 -17.86 17.85
N LEU A 182 24.83 -16.90 18.42
CA LEU A 182 24.34 -15.53 18.54
C LEU A 182 24.19 -14.87 17.17
N GLU A 183 25.12 -15.15 16.28
CA GLU A 183 25.04 -14.63 14.93
C GLU A 183 23.81 -15.21 14.23
N GLN A 184 23.48 -16.46 14.55
CA GLN A 184 22.31 -17.07 13.94
C GLN A 184 21.00 -16.42 14.41
N LYS A 185 20.87 -16.17 15.71
CA LYS A 185 19.75 -15.40 16.21
C LYS A 185 19.59 -14.09 15.43
N TRP A 186 20.70 -13.38 15.20
CA TRP A 186 20.57 -12.15 14.39
C TRP A 186 20.32 -12.38 12.91
N LEU A 187 21.02 -13.35 12.32
CA LEU A 187 20.75 -13.77 10.95
C LEU A 187 19.26 -14.06 10.73
N ILE A 188 18.65 -14.82 11.64
CA ILE A 188 17.23 -15.14 11.52
C ILE A 188 16.37 -13.87 11.51
N ARG A 189 16.70 -12.92 12.37
CA ARG A 189 15.98 -11.64 12.40
C ARG A 189 16.18 -10.83 11.12
N MET A 190 17.38 -10.93 10.54
CA MET A 190 17.65 -10.25 9.27
C MET A 190 16.91 -10.87 8.09
N ILE A 191 16.64 -12.16 8.16
CA ILE A 191 15.86 -12.82 7.11
C ILE A 191 14.36 -12.51 7.25
N ILE A 192 13.85 -12.61 8.47
CA ILE A 192 12.47 -12.21 8.77
C ILE A 192 12.30 -10.69 8.58
N LYS A 193 13.40 -9.94 8.62
CA LYS A 193 13.39 -8.48 8.44
C LYS A 193 12.70 -7.80 9.60
N ASP A 194 12.97 -8.24 10.82
CA ASP A 194 12.45 -7.56 12.01
C ASP A 194 13.43 -7.74 13.15
N LEU A 195 14.26 -6.71 13.38
CA LEU A 195 15.41 -6.84 14.28
C LEU A 195 15.09 -6.62 15.76
N LYS A 196 14.01 -5.88 16.02
CA LYS A 196 13.49 -5.67 17.37
C LYS A 196 14.54 -5.00 18.25
N LEU A 197 15.18 -3.97 17.70
CA LEU A 197 16.23 -3.28 18.42
C LEU A 197 15.68 -2.36 19.51
N GLY A 198 14.41 -2.00 19.39
CA GLY A 198 13.81 -1.09 20.33
C GLY A 198 14.33 0.31 20.06
N VAL A 199 14.69 0.53 18.80
CA VAL A 199 15.06 1.87 18.33
C VAL A 199 14.54 2.02 16.89
N SER A 200 13.78 3.10 16.67
CA SER A 200 13.09 3.34 15.40
C SER A 200 14.07 3.53 14.28
N GLN A 201 13.66 3.23 13.05
CA GLN A 201 14.56 3.44 11.92
C GLN A 201 14.84 4.94 11.68
N GLN A 202 13.89 5.79 12.06
CA GLN A 202 14.14 7.22 12.08
C GLN A 202 15.36 7.54 12.97
N THR A 203 15.42 6.94 14.16
CA THR A 203 16.55 7.13 15.05
C THR A 203 17.85 6.66 14.41
N ILE A 204 17.78 5.50 13.75
CA ILE A 204 18.95 4.97 13.05
C ILE A 204 19.51 5.96 12.03
N PHE A 205 18.67 6.40 11.10
CA PHE A 205 19.09 7.43 10.16
C PHE A 205 19.67 8.67 10.84
N SER A 206 19.03 9.14 11.91
CA SER A 206 19.47 10.37 12.60
C SER A 206 20.88 10.24 13.12
N VAL A 207 21.20 9.08 13.68
CA VAL A 207 22.53 8.76 14.15
C VAL A 207 23.54 8.67 13.00
N PHE A 208 23.12 8.10 11.89
CA PHE A 208 24.00 7.98 10.75
C PHE A 208 24.37 9.34 10.12
N HIS A 209 23.38 10.19 9.89
CA HIS A 209 23.61 11.49 9.25
C HIS A 209 22.39 12.42 9.38
N ASN A 210 22.64 13.71 9.56
CA ASN A 210 21.58 14.70 9.75
C ASN A 210 20.60 14.65 8.60
N ASP A 211 21.10 14.27 7.42
CA ASP A 211 20.31 14.35 6.22
C ASP A 211 19.86 12.98 5.71
N ALA A 212 20.14 11.91 6.47
CA ALA A 212 19.88 10.56 5.99
C ALA A 212 18.41 10.31 5.65
N ALA A 213 17.53 10.70 6.57
CA ALA A 213 16.10 10.51 6.41
C ALA A 213 15.54 11.32 5.25
N GLU A 214 15.89 12.60 5.18
CA GLU A 214 15.41 13.41 4.06
C GLU A 214 15.85 12.76 2.75
N LEU A 215 17.11 12.32 2.70
CA LEU A 215 17.65 11.70 1.51
C LEU A 215 16.90 10.43 1.20
N HIS A 216 16.65 9.64 2.23
CA HIS A 216 15.98 8.36 2.01
C HIS A 216 14.54 8.51 1.47
N ASN A 217 13.92 9.64 1.75
CA ASN A 217 12.56 9.89 1.30
C ASN A 217 12.48 10.21 -0.18
N VAL A 218 13.58 10.62 -0.78
CA VAL A 218 13.56 10.97 -2.20
C VAL A 218 14.42 10.01 -3.03
N THR A 219 14.95 9.00 -2.36
CA THR A 219 15.67 7.92 -2.99
C THR A 219 15.42 6.80 -2.04
N THR A 220 14.64 5.80 -2.42
CA THR A 220 14.33 4.77 -1.42
C THR A 220 15.49 3.78 -1.45
N ASP A 221 16.69 4.30 -1.18
CA ASP A 221 17.91 3.56 -1.44
C ASP A 221 18.99 3.76 -0.38
N LEU A 222 19.14 2.76 0.49
CA LEU A 222 20.15 2.80 1.54
C LEU A 222 21.56 3.03 0.99
N GLU A 223 21.85 2.40 -0.16
CA GLU A 223 23.17 2.50 -0.75
C GLU A 223 23.51 3.94 -1.11
N LYS A 224 22.58 4.63 -1.75
CA LYS A 224 22.79 6.04 -2.09
C LYS A 224 22.87 6.87 -0.79
N VAL A 225 21.97 6.61 0.15
CA VAL A 225 22.02 7.25 1.46
C VAL A 225 23.37 7.09 2.15
N CYS A 226 23.92 5.87 2.13
CA CYS A 226 25.22 5.61 2.77
C CYS A 226 26.39 6.22 2.01
N ARG A 227 26.38 6.04 0.70
CA ARG A 227 27.43 6.57 -0.16
C ARG A 227 27.44 8.09 -0.09
N GLN A 228 26.30 8.71 -0.35
CA GLN A 228 26.27 10.16 -0.46
C GLN A 228 26.47 10.86 0.89
N LEU A 229 26.13 10.19 1.98
CA LEU A 229 26.25 10.77 3.30
C LEU A 229 27.27 10.00 4.13
N HIS A 230 28.36 9.60 3.48
CA HIS A 230 29.39 8.80 4.14
C HIS A 230 30.22 9.63 5.12
N ASP A 231 30.30 10.93 4.86
CA ASP A 231 30.92 11.84 5.80
C ASP A 231 29.83 12.56 6.58
N PRO A 232 29.77 12.32 7.89
CA PRO A 232 28.76 12.95 8.76
C PRO A 232 28.83 14.48 8.75
N SER A 233 30.03 15.03 8.55
CA SER A 233 30.26 16.46 8.69
C SER A 233 30.14 17.27 7.40
N VAL A 234 29.38 16.77 6.45
CA VAL A 234 29.07 17.53 5.26
C VAL A 234 27.70 17.11 4.74
N GLY A 235 26.75 18.02 4.84
CA GLY A 235 25.37 17.74 4.47
C GLY A 235 25.15 17.87 2.99
N LEU A 236 23.94 17.53 2.56
CA LEU A 236 23.48 17.79 1.21
C LEU A 236 22.43 18.88 1.31
N SER A 237 22.38 19.75 0.32
CA SER A 237 21.33 20.75 0.29
C SER A 237 20.53 20.59 -0.99
N ASP A 238 19.32 21.13 -0.99
CA ASP A 238 18.36 20.92 -2.08
C ASP A 238 18.23 19.43 -2.35
N ILE A 239 18.14 18.66 -1.27
CA ILE A 239 17.72 17.28 -1.36
C ILE A 239 16.35 17.29 -2.00
N SER A 240 16.21 16.60 -3.12
CA SER A 240 14.98 16.71 -3.89
C SER A 240 14.64 15.46 -4.68
N ILE A 241 13.42 15.44 -5.19
CA ILE A 241 13.01 14.37 -6.09
C ILE A 241 13.85 14.44 -7.36
N THR A 242 14.40 13.30 -7.76
CA THR A 242 15.30 13.22 -8.88
C THR A 242 14.84 12.09 -9.81
N LEU A 243 15.12 12.24 -11.11
CA LEU A 243 14.65 11.30 -12.11
C LEU A 243 15.21 9.89 -11.89
N PHE A 244 14.30 8.90 -11.92
CA PHE A 244 14.59 7.47 -11.71
C PHE A 244 14.95 7.08 -10.27
N SER A 245 14.64 7.97 -9.33
CA SER A 245 14.79 7.65 -7.92
C SER A 245 13.42 7.51 -7.33
N ALA A 246 13.20 6.44 -6.59
CA ALA A 246 11.91 6.23 -5.97
C ALA A 246 11.83 7.20 -4.82
N PHE A 247 10.86 8.09 -4.85
CA PHE A 247 10.60 8.94 -3.69
C PHE A 247 9.41 8.36 -2.93
N LYS A 248 9.36 8.60 -1.63
CA LYS A 248 8.25 8.12 -0.84
C LYS A 248 7.09 9.05 -1.10
N PRO A 249 5.92 8.48 -1.44
CA PRO A 249 4.71 9.23 -1.77
C PRO A 249 4.32 10.20 -0.66
N MET A 250 3.68 11.29 -1.02
CA MET A 250 3.02 12.15 -0.04
C MET A 250 1.75 11.43 0.40
N LEU A 251 1.36 11.65 1.66
CA LEU A 251 0.24 10.93 2.29
C LEU A 251 -0.92 11.84 2.79
N ALA A 252 -2.12 11.27 2.82
CA ALA A 252 -3.30 12.00 3.23
C ALA A 252 -3.63 11.68 4.67
N ALA A 253 -3.93 12.70 5.46
CA ALA A 253 -4.41 12.46 6.82
C ALA A 253 -5.94 12.39 6.87
N ILE A 254 -6.45 11.61 7.82
CA ILE A 254 -7.88 11.51 8.04
C ILE A 254 -8.40 12.82 8.61
N ALA A 255 -9.54 13.25 8.11
CA ALA A 255 -10.17 14.46 8.60
C ALA A 255 -11.67 14.29 8.71
N ASP A 256 -12.19 14.69 9.88
CA ASP A 256 -13.62 14.75 10.11
C ASP A 256 -14.18 15.92 9.35
N ILE A 257 -15.26 15.65 8.63
CA ILE A 257 -16.04 16.66 7.93
C ILE A 257 -16.31 17.95 8.73
N GLU A 258 -16.62 17.83 10.03
CA GLU A 258 -17.00 18.98 10.84
C GLU A 258 -16.00 20.14 10.80
N HIS A 259 -14.71 19.84 10.76
CA HIS A 259 -13.68 20.87 10.90
C HIS A 259 -13.05 21.36 9.58
N ILE A 260 -13.36 20.70 8.47
CA ILE A 260 -12.70 20.94 7.18
C ILE A 260 -12.42 22.40 6.78
N GLU A 261 -13.39 23.29 6.97
CA GLU A 261 -13.26 24.67 6.53
C GLU A 261 -12.07 25.32 7.22
N LYS A 262 -11.98 25.07 8.53
CA LYS A 262 -10.80 25.45 9.29
C LYS A 262 -9.56 24.74 8.73
N ASP A 263 -9.62 23.41 8.65
CA ASP A 263 -8.49 22.59 8.20
C ASP A 263 -7.89 23.03 6.86
N MET A 264 -8.70 23.68 6.02
CA MET A 264 -8.18 24.18 4.75
C MET A 264 -7.89 25.68 4.84
N LYS A 265 -7.62 26.12 6.06
CA LYS A 265 -7.11 27.47 6.33
C LYS A 265 -8.06 28.55 5.85
N HIS A 266 -9.36 28.27 5.97
CA HIS A 266 -10.41 29.22 5.59
C HIS A 266 -10.23 29.87 4.21
N GLN A 267 -9.55 29.16 3.31
CA GLN A 267 -9.39 29.66 1.95
C GLN A 267 -9.78 28.52 1.01
N SER A 268 -10.04 28.88 -0.25
CA SER A 268 -10.38 27.92 -1.31
C SER A 268 -9.52 26.66 -1.25
N PHE A 269 -10.11 25.53 -1.63
CA PHE A 269 -9.41 24.24 -1.62
C PHE A 269 -9.93 23.29 -2.69
N TYR A 270 -9.17 22.24 -2.98
CA TYR A 270 -9.54 21.31 -4.02
C TYR A 270 -10.23 20.10 -3.43
N ILE A 271 -11.30 19.66 -4.08
CA ILE A 271 -11.88 18.37 -3.78
C ILE A 271 -11.63 17.45 -4.97
N GLU A 272 -10.86 16.39 -4.72
CA GLU A 272 -10.37 15.52 -5.75
C GLU A 272 -10.88 14.12 -5.47
N THR A 273 -11.11 13.35 -6.53
CA THR A 273 -11.58 11.97 -6.40
C THR A 273 -10.59 11.09 -5.63
N LYS A 274 -11.11 10.26 -4.72
CA LYS A 274 -10.25 9.35 -4.00
C LYS A 274 -10.35 7.93 -4.56
N LEU A 275 -9.30 7.51 -5.23
CA LEU A 275 -9.28 6.21 -5.88
C LEU A 275 -8.54 5.18 -5.04
N ASP A 276 -9.15 4.01 -4.85
CA ASP A 276 -8.50 2.92 -4.14
C ASP A 276 -7.77 1.98 -5.12
N GLY A 277 -6.62 2.41 -5.59
CA GLY A 277 -5.82 1.59 -6.49
C GLY A 277 -4.47 1.31 -5.90
N GLU A 278 -3.47 1.20 -6.77
CA GLU A 278 -2.10 1.05 -6.30
C GLU A 278 -1.35 2.33 -6.57
N ARG A 279 -0.89 2.95 -5.49
CA ARG A 279 -0.08 4.14 -5.57
C ARG A 279 1.16 3.80 -6.39
N MET A 280 1.33 4.50 -7.51
CA MET A 280 2.44 4.24 -8.42
C MET A 280 2.98 5.57 -8.95
N GLN A 281 4.31 5.71 -8.99
CA GLN A 281 4.95 6.88 -9.59
C GLN A 281 5.61 6.52 -10.90
N MET A 282 5.52 7.42 -11.87
CA MET A 282 6.06 7.15 -13.20
C MET A 282 7.18 8.12 -13.52
N HIS A 283 8.29 7.56 -13.96
CA HIS A 283 9.50 8.32 -14.26
C HIS A 283 9.76 8.19 -15.75
N LYS A 284 9.82 9.32 -16.45
CA LYS A 284 9.92 9.32 -17.90
C LYS A 284 11.06 10.18 -18.42
N ASP A 285 11.87 9.60 -19.30
CA ASP A 285 12.86 10.34 -20.08
C ASP A 285 12.93 9.72 -21.46
N GLY A 286 12.15 10.27 -22.39
CA GLY A 286 12.18 9.80 -23.76
C GLY A 286 11.41 8.52 -23.95
N ASP A 287 12.11 7.46 -24.38
CA ASP A 287 11.52 6.14 -24.56
C ASP A 287 11.85 5.24 -23.37
N VAL A 288 12.21 5.86 -22.26
CA VAL A 288 12.62 5.12 -21.07
C VAL A 288 11.74 5.45 -19.87
N TYR A 289 11.11 4.43 -19.31
CA TYR A 289 10.17 4.59 -18.21
C TYR A 289 10.49 3.73 -16.98
N LYS A 290 10.30 4.29 -15.80
CA LYS A 290 10.40 3.51 -14.57
C LYS A 290 9.20 3.74 -13.68
N TYR A 291 8.69 2.67 -13.08
CA TYR A 291 7.55 2.79 -12.19
C TYR A 291 7.89 2.30 -10.79
N PHE A 292 7.58 3.09 -9.78
CA PHE A 292 7.85 2.69 -8.40
C PHE A 292 6.56 2.66 -7.58
N SER A 293 6.42 1.61 -6.78
CA SER A 293 5.28 1.51 -5.88
C SER A 293 5.56 2.36 -4.63
N ARG A 294 4.59 2.43 -3.72
CA ARG A 294 4.67 3.37 -2.60
C ARG A 294 5.81 3.06 -1.67
N ASN A 295 6.23 1.79 -1.65
CA ASN A 295 7.29 1.34 -0.76
C ASN A 295 8.63 1.34 -1.46
N GLY A 296 8.64 1.77 -2.72
CA GLY A 296 9.87 1.98 -3.46
C GLY A 296 10.33 0.76 -4.22
N TYR A 297 9.40 -0.14 -4.51
CA TYR A 297 9.74 -1.30 -5.32
C TYR A 297 9.53 -1.01 -6.80
N ASN A 298 10.33 -1.66 -7.64
CA ASN A 298 10.30 -1.42 -9.08
C ASN A 298 9.26 -2.28 -9.81
N TYR A 299 8.32 -1.61 -10.50
CA TYR A 299 7.23 -2.30 -11.18
C TYR A 299 7.30 -2.08 -12.67
N THR A 300 8.50 -1.80 -13.15
CA THR A 300 8.69 -1.50 -14.55
C THR A 300 8.46 -2.72 -15.44
N ASP A 301 8.78 -3.90 -14.94
CA ASP A 301 8.52 -5.13 -15.67
C ASP A 301 7.05 -5.33 -16.03
N GLN A 302 6.16 -4.92 -15.14
CA GLN A 302 4.74 -5.03 -15.44
C GLN A 302 4.25 -3.92 -16.37
N PHE A 303 4.59 -2.68 -16.04
CA PHE A 303 3.99 -1.54 -16.73
C PHE A 303 4.67 -1.17 -18.04
N GLY A 304 5.97 -1.43 -18.12
CA GLY A 304 6.70 -1.21 -19.35
C GLY A 304 7.86 -0.23 -19.25
N ALA A 305 9.06 -0.71 -19.54
CA ALA A 305 10.25 0.14 -19.59
C ALA A 305 10.28 1.05 -20.80
N SER A 306 9.65 0.59 -21.88
CA SER A 306 9.73 1.28 -23.16
C SER A 306 8.37 1.16 -23.79
N PRO A 307 8.05 2.01 -24.77
CA PRO A 307 6.72 1.92 -25.39
C PRO A 307 6.46 0.61 -26.14
N THR A 308 7.44 -0.29 -26.22
CA THR A 308 7.20 -1.57 -26.88
C THR A 308 6.89 -2.69 -25.90
N GLU A 309 7.12 -2.44 -24.61
CA GLU A 309 6.92 -3.46 -23.58
C GLU A 309 5.86 -3.06 -22.54
N GLY A 310 5.18 -4.04 -21.97
CA GLY A 310 4.42 -3.82 -20.75
C GLY A 310 2.95 -3.53 -20.91
N SER A 311 2.23 -3.44 -19.79
CA SER A 311 0.76 -3.30 -19.83
C SER A 311 0.23 -1.87 -19.94
N LEU A 312 1.10 -0.88 -19.85
CA LEU A 312 0.68 0.50 -19.80
C LEU A 312 1.43 1.41 -20.77
N THR A 313 2.74 1.43 -20.61
CA THR A 313 3.61 2.33 -21.39
C THR A 313 3.31 2.39 -22.92
N PRO A 314 3.11 1.23 -23.58
CA PRO A 314 2.84 1.28 -25.02
C PRO A 314 1.59 2.07 -25.37
N PHE A 315 0.69 2.19 -24.41
CA PHE A 315 -0.61 2.79 -24.63
C PHE A 315 -0.63 4.25 -24.20
N ILE A 316 0.31 4.65 -23.36
CA ILE A 316 0.26 6.03 -22.86
C ILE A 316 1.37 6.87 -23.45
N HIS A 317 2.41 6.21 -23.95
CA HIS A 317 3.59 6.88 -24.51
C HIS A 317 3.26 8.03 -25.45
N ASN A 318 2.25 7.83 -26.30
CA ASN A 318 1.91 8.83 -27.27
C ASN A 318 0.87 9.82 -26.78
N ALA A 319 0.57 9.79 -25.49
CA ALA A 319 -0.37 10.76 -24.96
C ALA A 319 0.39 11.96 -24.43
N PHE A 320 1.68 11.80 -24.22
CA PHE A 320 2.50 12.91 -23.76
C PHE A 320 2.64 13.94 -24.85
N LYS A 321 2.40 15.19 -24.51
CA LYS A 321 2.46 16.26 -25.50
C LYS A 321 3.86 16.44 -26.08
N ALA A 322 3.93 17.19 -27.17
CA ALA A 322 5.15 17.31 -27.96
C ALA A 322 6.35 17.86 -27.18
N ASP A 323 6.12 18.81 -26.30
CA ASP A 323 7.23 19.46 -25.59
C ASP A 323 7.83 18.61 -24.45
N ILE A 324 7.24 17.44 -24.19
CA ILE A 324 7.58 16.69 -22.98
C ILE A 324 8.59 15.57 -23.20
N GLN A 325 9.83 15.80 -22.77
CA GLN A 325 10.87 14.78 -22.87
C GLN A 325 11.03 14.03 -21.54
N ILE A 326 10.96 14.77 -20.43
CA ILE A 326 11.14 14.21 -19.11
C ILE A 326 9.97 14.55 -18.20
N CYS A 327 9.43 13.56 -17.49
CA CYS A 327 8.52 13.90 -16.40
C CYS A 327 8.38 12.83 -15.32
N ILE A 328 7.91 13.27 -14.16
CA ILE A 328 7.65 12.41 -13.01
C ILE A 328 6.21 12.59 -12.55
N LEU A 329 5.45 11.52 -12.52
CA LEU A 329 4.04 11.63 -12.13
C LEU A 329 3.71 10.78 -10.92
N ASP A 330 2.76 11.25 -10.13
CA ASP A 330 2.25 10.47 -9.03
C ASP A 330 0.76 10.20 -9.31
N GLY A 331 0.34 8.96 -9.08
CA GLY A 331 -1.07 8.62 -9.19
C GLY A 331 -1.39 7.23 -8.69
N GLU A 332 -2.54 6.72 -9.13
CA GLU A 332 -2.97 5.38 -8.76
C GLU A 332 -3.17 4.53 -10.00
N MET A 333 -2.68 3.30 -9.99
CA MET A 333 -3.03 2.36 -11.04
C MET A 333 -4.40 1.76 -10.73
N MET A 334 -5.30 1.79 -11.70
CA MET A 334 -6.63 1.21 -11.53
C MET A 334 -6.86 0.13 -12.58
N ALA A 335 -7.70 -0.84 -12.28
CA ALA A 335 -8.16 -1.75 -13.32
C ALA A 335 -9.43 -1.17 -13.93
N TYR A 336 -9.37 -0.92 -15.23
CA TYR A 336 -10.49 -0.33 -15.93
C TYR A 336 -11.22 -1.41 -16.73
N ASN A 337 -12.54 -1.42 -16.65
CA ASN A 337 -13.38 -2.25 -17.49
C ASN A 337 -13.89 -1.46 -18.69
N PRO A 338 -13.36 -1.75 -19.88
CA PRO A 338 -13.76 -1.00 -21.06
C PRO A 338 -15.27 -1.13 -21.34
N ASN A 339 -15.84 -2.32 -21.21
CA ASN A 339 -17.24 -2.51 -21.62
C ASN A 339 -18.27 -1.78 -20.77
N THR A 340 -17.89 -1.40 -19.56
CA THR A 340 -18.79 -0.65 -18.69
C THR A 340 -18.22 0.73 -18.32
N GLN A 341 -17.00 1.01 -18.78
CA GLN A 341 -16.26 2.24 -18.44
C GLN A 341 -16.21 2.48 -16.93
N THR A 342 -15.77 1.48 -16.20
CA THR A 342 -15.79 1.54 -14.75
C THR A 342 -14.49 1.02 -14.18
N PHE A 343 -13.99 1.67 -13.14
CA PHE A 343 -12.82 1.19 -12.45
C PHE A 343 -13.30 0.11 -11.50
N MET A 344 -12.55 -0.99 -11.42
CA MET A 344 -12.93 -2.10 -10.55
C MET A 344 -12.26 -2.00 -9.18
N GLN A 345 -13.08 -2.03 -8.13
CA GLN A 345 -12.61 -2.07 -6.75
C GLN A 345 -11.72 -3.28 -6.44
N LYS A 346 -10.85 -3.15 -5.44
CA LYS A 346 -9.93 -4.23 -5.06
C LYS A 346 -10.66 -5.44 -4.47
N GLY A 347 -11.66 -5.17 -3.64
CA GLY A 347 -12.40 -6.25 -2.99
C GLY A 347 -13.47 -6.89 -3.85
N THR A 348 -13.11 -7.97 -4.52
CA THR A 348 -14.07 -8.75 -5.29
C THR A 348 -13.75 -10.24 -5.17
N LYS A 349 -14.75 -11.08 -5.41
CA LYS A 349 -14.52 -12.52 -5.51
C LYS A 349 -13.63 -12.83 -6.72
N PHE A 350 -13.65 -11.95 -7.72
CA PHE A 350 -12.92 -12.14 -8.97
C PHE A 350 -11.43 -11.81 -8.87
N ASP A 351 -10.65 -12.36 -9.82
CA ASP A 351 -9.18 -12.21 -9.82
C ASP A 351 -8.72 -11.10 -10.78
N ILE A 352 -8.45 -9.91 -10.23
CA ILE A 352 -8.20 -8.72 -11.04
C ILE A 352 -6.94 -8.79 -11.90
N LYS A 353 -5.84 -9.26 -11.31
CA LYS A 353 -4.57 -9.34 -12.04
C LYS A 353 -4.73 -10.26 -13.27
N ARG A 354 -5.32 -11.43 -13.06
CA ARG A 354 -5.56 -12.39 -14.14
C ARG A 354 -6.45 -11.78 -15.24
N MET A 355 -7.53 -11.12 -14.84
CA MET A 355 -8.42 -10.47 -15.80
C MET A 355 -7.71 -9.36 -16.57
N VAL A 356 -6.79 -8.65 -15.93
CA VAL A 356 -5.99 -7.64 -16.60
C VAL A 356 -5.03 -8.29 -17.60
N GLU A 357 -4.49 -9.44 -17.21
CA GLU A 357 -3.63 -10.22 -18.09
C GLU A 357 -4.43 -10.87 -19.22
N ASP A 358 -5.67 -11.24 -18.93
CA ASP A 358 -6.55 -11.83 -19.95
C ASP A 358 -7.20 -10.78 -20.84
N SER A 359 -6.90 -9.50 -20.58
CA SER A 359 -7.47 -8.38 -21.33
C SER A 359 -8.99 -8.22 -21.19
N ASP A 360 -9.53 -8.72 -20.08
CA ASP A 360 -10.92 -8.42 -19.72
C ASP A 360 -10.97 -7.03 -19.06
N LEU A 361 -9.88 -6.67 -18.42
CA LEU A 361 -9.74 -5.38 -17.77
C LEU A 361 -8.45 -4.80 -18.32
N GLN A 362 -8.21 -3.52 -18.09
CA GLN A 362 -6.93 -2.94 -18.51
C GLN A 362 -6.37 -2.00 -17.46
N THR A 363 -5.06 -1.82 -17.48
CA THR A 363 -4.46 -0.93 -16.51
C THR A 363 -4.70 0.51 -16.93
N CYS A 364 -5.12 1.32 -15.97
CA CYS A 364 -5.31 2.73 -16.18
C CYS A 364 -4.53 3.49 -15.13
N TYR A 365 -3.79 4.50 -15.56
CA TYR A 365 -2.98 5.30 -14.65
C TYR A 365 -3.71 6.61 -14.41
N CYS A 366 -4.12 6.84 -13.17
CA CYS A 366 -4.84 8.07 -12.82
C CYS A 366 -3.94 9.03 -12.06
N VAL A 367 -3.51 10.06 -12.75
CA VAL A 367 -2.48 10.96 -12.27
C VAL A 367 -3.11 12.11 -11.51
N PHE A 368 -2.59 12.38 -10.30
CA PHE A 368 -3.04 13.55 -9.55
C PHE A 368 -1.89 14.51 -9.23
N ASP A 369 -0.69 14.22 -9.71
CA ASP A 369 0.46 15.06 -9.41
C ASP A 369 1.65 14.88 -10.37
N VAL A 370 2.48 15.92 -10.45
CA VAL A 370 3.69 15.92 -11.29
C VAL A 370 4.84 16.61 -10.54
N LEU A 371 6.00 15.96 -10.53
CA LEU A 371 7.09 16.34 -9.64
C LEU A 371 8.27 16.92 -10.40
N MET A 372 8.35 16.60 -11.67
CA MET A 372 9.36 17.19 -12.52
C MET A 372 8.87 17.23 -13.95
N VAL A 373 9.11 18.33 -14.63
CA VAL A 373 8.85 18.37 -16.07
C VAL A 373 10.08 18.85 -16.81
N ASN A 374 10.54 18.03 -17.74
CA ASN A 374 11.82 18.22 -18.42
C ASN A 374 12.98 18.46 -17.45
N ASN A 375 13.64 19.61 -17.54
CA ASN A 375 14.73 19.87 -16.62
C ASN A 375 14.25 20.74 -15.47
N LYS A 376 13.00 20.57 -15.06
CA LYS A 376 12.42 21.46 -14.05
C LYS A 376 11.77 20.75 -12.86
N LYS A 377 12.27 21.02 -11.66
CA LYS A 377 11.78 20.38 -10.43
C LYS A 377 10.55 21.10 -9.86
N LEU A 378 9.49 20.35 -9.57
CA LEU A 378 8.22 20.98 -9.22
C LEU A 378 7.80 20.84 -7.76
N GLY A 379 8.49 19.99 -7.00
CA GLY A 379 8.11 19.68 -5.65
C GLY A 379 7.78 20.88 -4.77
N HIS A 380 8.56 21.95 -4.93
CA HIS A 380 8.39 23.14 -4.08
C HIS A 380 7.54 24.20 -4.75
N GLU A 381 6.69 23.75 -5.67
CA GLU A 381 5.72 24.63 -6.27
C GLU A 381 4.41 24.44 -5.55
N THR A 382 3.57 25.46 -5.60
CA THR A 382 2.24 25.34 -5.04
C THR A 382 1.53 24.23 -5.79
N LEU A 383 0.63 23.54 -5.10
CA LEU A 383 -0.14 22.48 -5.69
C LEU A 383 -0.89 23.01 -6.89
N ARG A 384 -1.42 24.22 -6.75
CA ARG A 384 -2.16 24.85 -7.83
C ARG A 384 -1.29 24.96 -9.08
N LYS A 385 -0.05 25.41 -8.92
CA LYS A 385 0.89 25.50 -10.02
C LYS A 385 1.15 24.13 -10.65
N ARG A 386 1.27 23.11 -9.81
CA ARG A 386 1.52 21.76 -10.28
C ARG A 386 0.38 21.25 -11.14
N TYR A 387 -0.83 21.59 -10.75
CA TYR A 387 -2.02 21.16 -11.50
C TYR A 387 -2.07 21.79 -12.89
N GLU A 388 -1.74 23.07 -12.95
CA GLU A 388 -1.66 23.78 -14.22
C GLU A 388 -0.71 23.01 -15.13
N ILE A 389 0.47 22.71 -14.59
CA ILE A 389 1.49 22.00 -15.32
C ILE A 389 1.03 20.62 -15.78
N LEU A 390 0.27 19.94 -14.91
CA LEU A 390 -0.19 18.60 -15.21
C LEU A 390 -0.96 18.59 -16.53
N SER A 391 -1.82 19.58 -16.70
CA SER A 391 -2.64 19.66 -17.91
C SER A 391 -1.80 19.73 -19.17
N SER A 392 -0.61 20.32 -19.04
CA SER A 392 0.30 20.46 -20.16
C SER A 392 1.15 19.22 -20.40
N ILE A 393 1.17 18.31 -19.44
CA ILE A 393 2.06 17.15 -19.54
C ILE A 393 1.56 16.17 -20.61
N PHE A 394 0.29 15.81 -20.56
CA PHE A 394 -0.26 14.86 -21.52
C PHE A 394 -1.73 15.11 -21.83
N THR A 395 -2.18 14.59 -22.97
CA THR A 395 -3.60 14.62 -23.28
C THR A 395 -4.19 13.27 -22.81
N PRO A 396 -5.20 13.33 -21.95
CA PRO A 396 -5.70 12.10 -21.33
C PRO A 396 -6.32 11.17 -22.35
N ILE A 397 -6.22 9.87 -22.10
CA ILE A 397 -6.95 8.85 -22.83
C ILE A 397 -7.79 8.10 -21.84
N PRO A 398 -9.12 8.24 -21.92
CA PRO A 398 -10.00 7.61 -20.93
C PRO A 398 -9.74 6.12 -20.82
N GLY A 399 -9.56 5.65 -19.60
CA GLY A 399 -9.27 4.26 -19.37
C GLY A 399 -7.82 3.83 -19.56
N ARG A 400 -6.90 4.76 -19.86
CA ARG A 400 -5.49 4.39 -19.85
C ARG A 400 -4.67 5.34 -19.03
N ILE A 401 -4.74 6.62 -19.37
CA ILE A 401 -4.08 7.64 -18.59
C ILE A 401 -4.97 8.87 -18.44
N GLU A 402 -5.19 9.25 -17.18
CA GLU A 402 -6.17 10.28 -16.88
C GLU A 402 -5.70 11.22 -15.80
N ILE A 403 -6.20 12.44 -15.84
CA ILE A 403 -6.02 13.36 -14.74
C ILE A 403 -7.21 13.17 -13.82
N VAL A 404 -6.95 12.77 -12.58
CA VAL A 404 -8.01 12.66 -11.58
C VAL A 404 -8.85 13.94 -11.55
N GLN A 405 -10.17 13.78 -11.55
CA GLN A 405 -11.07 14.93 -11.58
C GLN A 405 -11.06 15.68 -10.25
N LYS A 406 -10.94 17.00 -10.35
CA LYS A 406 -10.93 17.85 -9.17
C LYS A 406 -11.77 19.09 -9.46
N THR A 407 -12.20 19.77 -8.40
CA THR A 407 -12.91 21.05 -8.49
C THR A 407 -12.63 21.89 -7.25
N GLN A 408 -12.70 23.21 -7.41
CA GLN A 408 -12.52 24.17 -6.33
C GLN A 408 -13.72 24.23 -5.39
N ALA A 409 -13.47 24.43 -4.10
CA ALA A 409 -14.55 24.55 -3.15
C ALA A 409 -14.11 25.29 -1.91
N HIS A 410 -15.06 25.83 -1.16
CA HIS A 410 -14.76 26.47 0.10
C HIS A 410 -15.80 26.19 1.16
N THR A 411 -16.64 25.19 0.93
CA THR A 411 -17.75 24.95 1.81
C THR A 411 -17.76 23.62 2.48
N LYS A 412 -18.08 23.58 3.75
CA LYS A 412 -18.22 22.30 4.42
C LYS A 412 -19.35 21.59 3.71
N ASN A 413 -20.40 22.35 3.41
CA ASN A 413 -21.52 21.89 2.60
C ASN A 413 -21.11 21.24 1.27
N GLU A 414 -20.22 21.90 0.54
CA GLU A 414 -19.77 21.39 -0.75
C GLU A 414 -19.03 20.06 -0.62
N VAL A 415 -18.43 19.80 0.54
CA VAL A 415 -17.66 18.57 0.75
C VAL A 415 -18.56 17.41 1.12
N ILE A 416 -19.70 17.69 1.75
CA ILE A 416 -20.65 16.62 2.02
C ILE A 416 -21.30 16.21 0.72
N ASP A 417 -21.62 17.20 -0.11
CA ASP A 417 -22.12 16.97 -1.46
C ASP A 417 -21.18 16.03 -2.18
N ALA A 418 -19.91 16.39 -2.15
CA ALA A 418 -18.85 15.60 -2.73
C ALA A 418 -18.84 14.20 -2.14
N LEU A 419 -18.88 14.14 -0.81
CA LEU A 419 -18.79 12.86 -0.14
C LEU A 419 -19.99 12.01 -0.46
N ASN A 420 -21.15 12.64 -0.54
CA ASN A 420 -22.40 11.93 -0.85
C ASN A 420 -22.36 11.34 -2.25
N GLU A 421 -21.89 12.12 -3.20
CA GLU A 421 -21.85 11.69 -4.59
C GLU A 421 -20.74 10.66 -4.76
N ALA A 422 -19.67 10.83 -4.00
CA ALA A 422 -18.58 9.86 -4.04
C ALA A 422 -19.05 8.47 -3.59
N ILE A 423 -19.76 8.43 -2.46
CA ILE A 423 -20.18 7.15 -1.92
C ILE A 423 -21.25 6.58 -2.85
N ASP A 424 -22.06 7.48 -3.43
CA ASP A 424 -23.08 7.09 -4.40
C ASP A 424 -22.49 6.40 -5.62
N LYS A 425 -21.35 6.88 -6.09
CA LYS A 425 -20.68 6.29 -7.26
C LYS A 425 -19.79 5.16 -6.81
N ARG A 426 -20.02 4.67 -5.60
CA ARG A 426 -19.21 3.61 -5.00
C ARG A 426 -17.70 3.92 -4.82
N GLU A 427 -17.31 5.20 -4.86
CA GLU A 427 -15.99 5.55 -4.35
C GLU A 427 -16.07 5.37 -2.83
N GLU A 428 -14.94 5.44 -2.14
CA GLU A 428 -14.95 5.14 -0.71
C GLU A 428 -14.66 6.36 0.15
N GLY A 429 -14.44 7.48 -0.53
CA GLY A 429 -14.17 8.75 0.12
C GLY A 429 -13.80 9.82 -0.89
N ILE A 430 -13.36 10.98 -0.39
CA ILE A 430 -12.89 12.06 -1.24
C ILE A 430 -11.60 12.61 -0.66
N MET A 431 -10.83 13.29 -1.50
CA MET A 431 -9.61 13.95 -1.06
C MET A 431 -9.84 15.46 -0.99
N VAL A 432 -9.28 16.09 0.02
CA VAL A 432 -9.28 17.54 0.09
C VAL A 432 -7.83 17.99 0.19
N LYS A 433 -7.50 18.99 -0.60
CA LYS A 433 -6.13 19.43 -0.73
C LYS A 433 -6.00 20.95 -0.68
N GLN A 434 -4.93 21.43 -0.03
CA GLN A 434 -4.59 22.86 0.01
C GLN A 434 -3.92 23.30 -1.27
N PRO A 435 -4.53 24.26 -1.99
CA PRO A 435 -3.97 24.73 -3.27
C PRO A 435 -2.56 25.30 -3.16
N LEU A 436 -2.20 25.86 -2.01
CA LEU A 436 -0.85 26.40 -1.87
C LEU A 436 0.17 25.42 -1.29
N SER A 437 -0.27 24.21 -0.93
CA SER A 437 0.64 23.22 -0.34
C SER A 437 1.67 22.72 -1.34
N ILE A 438 2.86 22.41 -0.85
CA ILE A 438 3.91 21.84 -1.68
C ILE A 438 3.98 20.34 -1.49
N TYR A 439 4.76 19.68 -2.33
CA TYR A 439 4.84 18.23 -2.27
C TYR A 439 5.86 17.82 -1.22
N LYS A 440 5.41 17.06 -0.23
CA LYS A 440 6.25 16.65 0.89
C LYS A 440 6.30 15.12 1.06
N PRO A 441 7.33 14.48 0.49
CA PRO A 441 7.51 13.03 0.44
C PRO A 441 7.42 12.35 1.80
N ASP A 442 6.58 11.33 1.88
CA ASP A 442 6.40 10.52 3.09
C ASP A 442 5.75 11.27 4.24
N LYS A 443 5.45 12.55 4.05
CA LYS A 443 4.77 13.29 5.10
C LYS A 443 3.29 13.01 5.00
N ARG A 444 2.68 12.69 6.13
CA ARG A 444 1.24 12.45 6.16
C ARG A 444 0.49 13.69 6.62
N GLY A 445 -0.64 13.95 5.98
CA GLY A 445 -1.39 15.14 6.27
C GLY A 445 -0.72 16.35 5.67
N GLU A 446 -0.52 17.37 6.48
CA GLU A 446 -0.12 18.68 5.98
C GLU A 446 -1.14 19.16 4.94
N GLY A 447 -0.70 19.29 3.69
CA GLY A 447 -1.58 19.77 2.64
C GLY A 447 -2.75 18.87 2.28
N TRP A 448 -2.57 17.55 2.33
CA TRP A 448 -3.62 16.65 1.83
C TRP A 448 -4.40 15.99 2.95
N LEU A 449 -5.73 16.01 2.82
CA LEU A 449 -6.61 15.33 3.76
C LEU A 449 -7.41 14.26 3.02
N LYS A 450 -7.88 13.24 3.73
CA LYS A 450 -8.86 12.33 3.15
C LYS A 450 -10.08 12.24 4.04
N ILE A 451 -11.26 12.20 3.41
CA ILE A 451 -12.52 12.11 4.14
C ILE A 451 -13.30 10.86 3.73
N LYS A 452 -13.75 10.12 4.73
CA LYS A 452 -14.54 8.89 4.55
C LYS A 452 -15.72 8.95 5.51
N PRO A 453 -16.78 8.16 5.25
CA PRO A 453 -17.90 8.19 6.19
C PRO A 453 -17.52 7.63 7.57
N GLU A 454 -18.16 8.16 8.62
CA GLU A 454 -18.00 7.60 9.95
C GLU A 454 -18.91 6.38 10.07
N TYR A 455 -18.43 5.24 9.57
CA TYR A 455 -19.18 3.98 9.57
C TYR A 455 -19.17 3.32 10.96
N VAL A 456 -20.30 2.72 11.33
CA VAL A 456 -20.44 2.15 12.66
C VAL A 456 -20.67 0.63 12.61
N SER A 457 -19.72 -0.12 13.16
CA SER A 457 -19.74 -1.59 13.11
C SER A 457 -20.98 -2.22 13.74
N MET A 460 -25.10 -2.99 11.91
CA MET A 460 -25.26 -1.76 11.13
C MET A 460 -24.51 -1.87 9.80
N ASP A 461 -23.58 -2.81 9.72
CA ASP A 461 -22.85 -3.08 8.50
C ASP A 461 -23.46 -4.28 7.79
N GLU A 462 -24.40 -4.91 8.47
CA GLU A 462 -25.02 -6.14 7.97
C GLU A 462 -26.51 -5.91 7.69
N LEU A 463 -26.85 -4.71 7.25
CA LEU A 463 -28.20 -4.46 6.76
C LEU A 463 -28.48 -5.30 5.51
N ASP A 464 -29.30 -6.34 5.66
CA ASP A 464 -29.70 -7.20 4.54
C ASP A 464 -31.10 -6.86 4.07
N ILE A 465 -31.21 -6.24 2.90
CA ILE A 465 -32.47 -5.71 2.39
C ILE A 465 -32.70 -6.08 0.91
N LEU A 466 -33.95 -6.02 0.49
CA LEU A 466 -34.30 -6.55 -0.82
C LEU A 466 -34.30 -5.48 -1.89
N ILE A 467 -33.85 -5.83 -3.09
CA ILE A 467 -33.91 -4.90 -4.21
C ILE A 467 -35.32 -4.93 -4.73
N VAL A 468 -35.92 -3.76 -4.91
CA VAL A 468 -37.30 -3.74 -5.33
C VAL A 468 -37.44 -2.83 -6.52
N GLY A 469 -36.36 -2.12 -6.86
CA GLY A 469 -36.43 -1.21 -7.98
C GLY A 469 -35.08 -0.78 -8.49
N GLY A 470 -35.08 -0.14 -9.66
CA GLY A 470 -33.86 0.26 -10.33
C GLY A 470 -33.92 1.53 -11.15
N TYR A 471 -32.74 2.04 -11.50
CA TYR A 471 -32.64 3.28 -12.26
C TYR A 471 -31.60 3.10 -13.34
N TRP A 472 -31.93 3.50 -14.55
CA TRP A 472 -30.94 3.41 -15.61
C TRP A 472 -30.09 4.64 -15.57
N GLY A 473 -28.89 4.49 -16.08
CA GLY A 473 -28.04 5.64 -16.27
C GLY A 473 -26.73 5.21 -16.88
N LYS A 474 -25.70 5.97 -16.50
CA LYS A 474 -24.39 5.90 -17.09
C LYS A 474 -23.85 4.49 -17.18
N GLY A 475 -22.97 4.26 -18.15
CA GLY A 475 -22.43 2.95 -18.38
C GLY A 475 -23.30 2.11 -19.29
N SER A 476 -22.81 0.89 -19.53
CA SER A 476 -23.32 0.04 -20.60
C SER A 476 -24.79 -0.29 -20.51
N GLY A 479 -29.31 0.45 -20.55
CA GLY A 479 -27.96 -0.05 -20.35
C GLY A 479 -27.79 -0.85 -19.08
N MET A 480 -26.71 -0.63 -18.34
CA MET A 480 -26.59 -1.15 -16.98
C MET A 480 -27.20 -0.12 -16.02
N MET A 481 -27.62 -0.56 -14.84
CA MET A 481 -28.28 0.34 -13.88
C MET A 481 -27.31 1.14 -13.01
N SER A 482 -27.65 2.40 -12.77
CA SER A 482 -26.80 3.24 -11.95
C SER A 482 -27.15 3.15 -10.46
N HIS A 483 -28.40 2.81 -10.14
CA HIS A 483 -28.83 2.73 -8.75
C HIS A 483 -29.91 1.69 -8.55
N PHE A 484 -30.02 1.19 -7.32
CA PHE A 484 -31.11 0.31 -6.91
C PHE A 484 -31.95 1.01 -5.86
N LEU A 485 -33.25 0.71 -5.86
CA LEU A 485 -34.11 1.14 -4.77
C LEU A 485 -34.36 -0.08 -3.90
N CYS A 486 -34.14 0.04 -2.60
CA CYS A 486 -34.24 -1.12 -1.72
C CYS A 486 -35.29 -0.97 -0.68
N ALA A 487 -35.80 -2.10 -0.19
CA ALA A 487 -36.92 -2.11 0.73
C ALA A 487 -36.75 -3.07 1.89
N VAL A 488 -37.56 -2.87 2.92
CA VAL A 488 -37.66 -3.81 4.02
C VAL A 488 -39.03 -4.46 4.01
N ALA A 489 -39.12 -5.64 4.62
CA ALA A 489 -40.37 -6.40 4.60
C ALA A 489 -41.33 -5.99 5.70
N GLU A 490 -42.60 -5.89 5.32
CA GLU A 490 -43.66 -5.85 6.29
C GLU A 490 -43.89 -7.29 6.75
N LYS A 491 -43.81 -7.51 8.06
CA LYS A 491 -43.94 -8.84 8.66
C LYS A 491 -45.32 -9.45 8.43
N PRO A 492 -45.36 -10.54 7.64
CA PRO A 492 -46.61 -11.20 7.26
C PRO A 492 -47.10 -12.12 8.38
N PRO A 493 -48.38 -12.53 8.32
CA PRO A 493 -48.94 -13.44 9.34
C PRO A 493 -48.31 -14.84 9.26
N PRO A 498 -44.17 -12.83 3.19
CA PRO A 498 -44.03 -11.40 2.94
C PRO A 498 -44.63 -11.00 1.59
N SER A 499 -45.58 -10.07 1.61
CA SER A 499 -46.24 -9.64 0.39
C SER A 499 -46.22 -8.12 0.20
N VAL A 500 -45.70 -7.39 1.19
CA VAL A 500 -45.64 -5.93 1.14
C VAL A 500 -44.29 -5.42 1.64
N PHE A 501 -43.66 -4.56 0.84
CA PHE A 501 -42.37 -4.01 1.20
C PHE A 501 -42.42 -2.49 1.28
N HIS A 502 -41.53 -1.93 2.10
CA HIS A 502 -41.43 -0.50 2.29
C HIS A 502 -40.06 -0.01 1.87
N THR A 503 -40.01 0.99 1.00
CA THR A 503 -38.72 1.50 0.53
C THR A 503 -37.94 2.14 1.68
N LEU A 504 -36.63 2.08 1.57
CA LEU A 504 -35.72 2.50 2.63
C LEU A 504 -34.63 3.43 2.09
N SER A 505 -34.07 3.06 0.94
CA SER A 505 -32.94 3.80 0.39
C SER A 505 -32.69 3.48 -1.08
N ARG A 506 -32.23 4.51 -1.81
CA ARG A 506 -31.54 4.32 -3.08
C ARG A 506 -30.09 3.98 -2.80
N VAL A 507 -29.51 3.07 -3.55
CA VAL A 507 -28.08 2.84 -3.37
C VAL A 507 -27.37 2.68 -4.70
N GLY A 508 -26.16 3.22 -4.77
CA GLY A 508 -25.31 3.10 -5.95
C GLY A 508 -25.10 1.67 -6.39
N SER A 509 -25.19 1.46 -7.70
CA SER A 509 -25.22 0.14 -8.33
C SER A 509 -24.09 -0.07 -9.29
N GLY A 510 -23.30 0.97 -9.49
CA GLY A 510 -22.20 0.93 -10.45
C GLY A 510 -21.39 -0.34 -10.36
N CYS A 511 -21.03 -0.88 -11.51
CA CYS A 511 -20.43 -2.22 -11.57
C CYS A 511 -18.94 -2.21 -11.25
N THR A 512 -18.61 -1.80 -10.04
CA THR A 512 -17.24 -1.69 -9.61
C THR A 512 -16.70 -3.04 -9.19
N MET A 513 -17.63 -3.99 -9.03
CA MET A 513 -17.25 -5.39 -8.86
C MET A 513 -18.08 -6.25 -9.82
N LYS A 514 -17.48 -7.28 -10.39
CA LYS A 514 -18.24 -8.06 -11.37
C LYS A 514 -19.55 -8.62 -10.82
N GLU A 515 -19.59 -8.96 -9.53
CA GLU A 515 -20.81 -9.54 -8.98
C GLU A 515 -22.03 -8.61 -9.09
N LEU A 516 -21.82 -7.30 -8.98
CA LEU A 516 -22.89 -6.32 -9.20
C LEU A 516 -23.33 -6.30 -10.67
N TYR A 517 -22.37 -6.55 -11.55
CA TYR A 517 -22.62 -6.63 -12.98
C TYR A 517 -23.35 -7.93 -13.31
N ASP A 518 -22.94 -9.01 -12.66
CA ASP A 518 -23.60 -10.28 -12.88
C ASP A 518 -25.02 -10.28 -12.34
N LEU A 519 -25.24 -9.58 -11.24
CA LEU A 519 -26.56 -9.47 -10.64
C LEU A 519 -27.50 -8.76 -11.59
N GLY A 520 -26.97 -7.76 -12.28
CA GLY A 520 -27.74 -6.95 -13.20
C GLY A 520 -28.29 -7.77 -14.37
N LEU A 521 -27.43 -8.61 -14.93
CA LEU A 521 -27.86 -9.55 -15.96
C LEU A 521 -28.86 -10.56 -15.42
N LYS A 522 -28.69 -10.97 -14.18
CA LYS A 522 -29.62 -11.89 -13.53
C LYS A 522 -31.02 -11.27 -13.37
N LEU A 523 -31.05 -9.96 -13.10
CA LEU A 523 -32.29 -9.28 -12.80
C LEU A 523 -32.97 -8.74 -14.05
N ALA A 524 -32.22 -8.61 -15.14
CA ALA A 524 -32.70 -7.95 -16.36
C ALA A 524 -34.08 -8.37 -16.85
N LYS A 525 -34.35 -9.68 -16.79
CA LYS A 525 -35.59 -10.22 -17.30
C LYS A 525 -36.75 -10.04 -16.34
N TYR A 526 -36.52 -9.42 -15.20
CA TYR A 526 -37.57 -9.31 -14.20
C TYR A 526 -38.07 -7.89 -13.98
N TRP A 527 -37.28 -6.90 -14.39
CA TRP A 527 -37.73 -5.52 -14.29
C TRP A 527 -39.08 -5.30 -14.97
N LYS A 528 -39.89 -4.45 -14.36
CA LYS A 528 -41.15 -4.04 -14.94
C LYS A 528 -41.29 -2.52 -14.82
N PRO A 529 -41.95 -1.88 -15.79
CA PRO A 529 -42.11 -0.42 -15.73
C PRO A 529 -42.87 0.00 -14.48
N PHE A 530 -42.37 1.02 -13.79
CA PHE A 530 -43.05 1.51 -12.61
C PHE A 530 -43.99 2.62 -13.02
N HIS A 531 -45.25 2.50 -12.64
CA HIS A 531 -46.22 3.52 -12.97
C HIS A 531 -46.74 4.19 -11.71
N ARG A 532 -46.37 5.46 -11.52
CA ARG A 532 -46.78 6.23 -10.34
C ARG A 532 -48.29 6.23 -10.16
N LYS A 533 -49.02 6.27 -11.28
CA LYS A 533 -50.48 6.36 -11.25
C LYS A 533 -51.15 4.99 -11.17
N ALA A 534 -50.37 3.91 -11.28
CA ALA A 534 -50.90 2.57 -11.09
C ALA A 534 -49.84 1.65 -10.51
N PRO A 535 -49.38 1.96 -9.29
CA PRO A 535 -48.18 1.34 -8.72
C PRO A 535 -48.46 -0.06 -8.21
N PRO A 536 -47.42 -0.88 -8.07
CA PRO A 536 -47.58 -2.24 -7.53
C PRO A 536 -47.94 -2.22 -6.06
N SER A 537 -48.61 -3.27 -5.61
CA SER A 537 -49.09 -3.35 -4.22
C SER A 537 -48.04 -3.92 -3.28
N SER A 538 -47.15 -4.72 -3.82
CA SER A 538 -46.10 -5.37 -3.03
C SER A 538 -44.99 -4.39 -2.65
N ILE A 539 -44.97 -3.24 -3.30
CA ILE A 539 -43.90 -2.29 -3.11
C ILE A 539 -44.42 -0.91 -2.80
N LEU A 540 -44.27 -0.50 -1.54
CA LEU A 540 -44.76 0.80 -1.09
C LEU A 540 -43.65 1.83 -1.05
N CYS A 541 -43.88 2.98 -1.70
CA CYS A 541 -42.88 4.03 -1.86
C CYS A 541 -43.19 5.34 -1.15
N GLY A 542 -42.14 6.09 -0.85
CA GLY A 542 -42.25 7.48 -0.43
C GLY A 542 -42.31 8.34 -1.68
N THR A 543 -41.70 9.51 -1.64
CA THR A 543 -41.68 10.38 -2.82
C THR A 543 -40.73 9.81 -3.89
N GLU A 544 -39.83 8.94 -3.46
CA GLU A 544 -38.85 8.40 -4.38
C GLU A 544 -39.43 7.20 -5.14
N LYS A 545 -39.60 7.35 -6.45
CA LYS A 545 -40.15 6.26 -7.25
C LYS A 545 -39.01 5.75 -8.09
N PRO A 546 -39.00 4.43 -8.33
CA PRO A 546 -37.99 3.88 -9.24
C PRO A 546 -38.49 3.96 -10.69
N GLU A 547 -37.60 3.84 -11.66
CA GLU A 547 -38.01 3.76 -13.07
C GLU A 547 -38.66 2.40 -13.30
N VAL A 548 -38.05 1.38 -12.75
CA VAL A 548 -38.62 0.05 -12.88
C VAL A 548 -38.64 -0.60 -11.52
N TYR A 549 -39.52 -1.59 -11.37
CA TYR A 549 -39.48 -2.41 -10.17
C TYR A 549 -39.35 -3.88 -10.51
N ILE A 550 -39.22 -4.68 -9.47
CA ILE A 550 -39.07 -6.11 -9.61
C ILE A 550 -39.95 -6.76 -8.55
N GLU A 551 -40.65 -7.82 -8.91
CA GLU A 551 -41.47 -8.54 -7.92
C GLU A 551 -40.52 -9.11 -6.86
N PRO A 552 -40.88 -8.97 -5.59
CA PRO A 552 -39.99 -9.39 -4.50
C PRO A 552 -39.49 -10.84 -4.61
N CYS A 553 -40.36 -11.76 -5.01
CA CYS A 553 -39.97 -13.15 -5.14
C CYS A 553 -38.95 -13.37 -6.26
N ASN A 554 -38.74 -12.35 -7.07
CA ASN A 554 -37.78 -12.47 -8.16
C ASN A 554 -36.47 -11.75 -7.85
N SER A 555 -36.40 -11.12 -6.69
CA SER A 555 -35.25 -10.27 -6.41
C SER A 555 -34.25 -10.90 -5.45
N VAL A 556 -33.30 -10.09 -5.03
CA VAL A 556 -32.16 -10.60 -4.32
C VAL A 556 -31.87 -9.70 -3.14
N ILE A 557 -31.37 -10.30 -2.06
CA ILE A 557 -30.89 -9.56 -0.91
C ILE A 557 -29.47 -9.07 -1.14
N VAL A 558 -29.25 -7.81 -0.82
CA VAL A 558 -27.93 -7.20 -0.82
C VAL A 558 -27.60 -6.79 0.61
N GLN A 559 -26.32 -6.87 0.96
CA GLN A 559 -25.92 -6.45 2.28
C GLN A 559 -25.41 -5.04 2.19
N ILE A 560 -25.91 -4.17 3.06
CA ILE A 560 -25.66 -2.74 2.98
C ILE A 560 -24.97 -2.19 4.22
N LYS A 561 -23.86 -1.50 4.00
CA LYS A 561 -23.14 -0.78 5.04
C LYS A 561 -23.64 0.67 5.00
N ALA A 562 -23.98 1.21 6.17
CA ALA A 562 -24.48 2.57 6.27
C ALA A 562 -23.87 3.29 7.47
N ALA A 563 -23.77 4.62 7.38
CA ALA A 563 -23.17 5.39 8.47
C ALA A 563 -24.19 5.66 9.57
N GLU A 564 -25.40 6.02 9.15
CA GLU A 564 -26.53 6.12 10.07
C GLU A 564 -27.87 6.04 9.36
N ILE A 565 -28.93 5.97 10.16
CA ILE A 565 -30.29 6.02 9.68
C ILE A 565 -30.86 7.37 10.05
N VAL A 566 -31.37 8.09 9.07
CA VAL A 566 -31.86 9.45 9.28
C VAL A 566 -33.29 9.60 8.79
N PRO A 567 -34.03 10.58 9.34
CA PRO A 567 -35.41 10.82 8.93
C PRO A 567 -35.53 11.22 7.46
N SER A 568 -36.52 10.68 6.76
CA SER A 568 -36.69 10.99 5.34
C SER A 568 -38.11 10.74 4.87
N ASP A 569 -38.66 11.64 4.08
CA ASP A 569 -39.97 11.38 3.48
C ASP A 569 -39.86 10.84 2.04
N MET A 570 -38.65 10.49 1.64
CA MET A 570 -38.47 9.95 0.30
C MET A 570 -38.74 8.47 0.26
N TYR A 571 -38.80 7.86 1.44
CA TYR A 571 -38.98 6.42 1.54
C TYR A 571 -40.13 6.09 2.46
N LYS A 572 -40.74 4.92 2.25
CA LYS A 572 -41.95 4.57 2.97
C LYS A 572 -41.65 4.32 4.44
N THR A 573 -40.49 3.73 4.72
CA THR A 573 -40.05 3.53 6.10
C THR A 573 -40.00 4.83 6.90
N GLY A 574 -39.99 5.96 6.20
CA GLY A 574 -39.97 7.24 6.85
C GLY A 574 -38.59 7.60 7.30
N CYS A 575 -37.61 6.95 6.69
CA CYS A 575 -36.20 7.17 7.02
C CYS A 575 -35.34 6.60 5.90
N THR A 576 -34.05 6.93 5.91
CA THR A 576 -33.16 6.37 4.91
C THR A 576 -31.75 6.12 5.45
N LEU A 577 -30.86 5.73 4.56
CA LEU A 577 -29.49 5.44 4.95
C LEU A 577 -28.55 6.52 4.47
N ARG A 578 -27.70 6.95 5.40
CA ARG A 578 -26.63 7.89 5.09
C ARG A 578 -25.43 7.09 4.57
N PHE A 579 -24.86 7.55 3.46
CA PHE A 579 -23.74 6.87 2.82
C PHE A 579 -23.91 5.36 2.73
N PRO A 580 -25.00 4.89 2.09
CA PRO A 580 -25.15 3.45 2.00
C PRO A 580 -24.18 2.91 0.96
N ARG A 581 -23.91 1.62 1.03
CA ARG A 581 -23.03 0.97 0.09
C ARG A 581 -23.29 -0.52 0.16
N ILE A 582 -23.58 -1.12 -0.99
CA ILE A 582 -23.66 -2.56 -1.09
C ILE A 582 -22.30 -3.16 -0.78
N GLU A 583 -22.27 -4.08 0.16
CA GLU A 583 -21.04 -4.78 0.49
C GLU A 583 -21.04 -6.16 -0.16
N LYS A 584 -22.13 -6.88 0.04
CA LYS A 584 -22.25 -8.20 -0.54
C LYS A 584 -23.60 -8.37 -1.23
N ILE A 585 -23.63 -9.22 -2.23
CA ILE A 585 -24.89 -9.74 -2.75
C ILE A 585 -25.13 -11.00 -1.94
N ARG A 586 -26.19 -11.02 -1.15
CA ARG A 586 -26.46 -12.21 -0.35
C ARG A 586 -27.39 -13.16 -1.09
N ASP A 587 -26.90 -13.74 -2.18
CA ASP A 587 -27.70 -14.67 -2.98
C ASP A 587 -27.84 -15.99 -2.26
N ASP A 588 -27.13 -16.10 -1.14
CA ASP A 588 -27.23 -17.22 -0.22
C ASP A 588 -28.38 -17.03 0.77
N LYS A 589 -29.28 -16.09 0.50
CA LYS A 589 -30.47 -15.92 1.33
C LYS A 589 -31.68 -15.65 0.46
N GLU A 590 -32.71 -16.47 0.59
CA GLU A 590 -33.95 -16.32 -0.17
C GLU A 590 -34.54 -14.93 0.03
N TRP A 591 -35.32 -14.46 -0.94
CA TRP A 591 -35.92 -13.13 -0.88
C TRP A 591 -36.74 -12.86 0.40
N HIS A 592 -37.36 -13.91 0.94
CA HIS A 592 -38.23 -13.73 2.09
C HIS A 592 -37.48 -13.58 3.42
N GLU A 593 -36.17 -13.75 3.37
CA GLU A 593 -35.30 -13.58 4.53
C GLU A 593 -34.94 -12.12 4.74
N CYS A 594 -35.72 -11.24 4.12
CA CYS A 594 -35.49 -9.80 4.17
C CYS A 594 -35.61 -9.25 5.58
N MET A 595 -34.94 -8.12 5.82
CA MET A 595 -35.06 -7.40 7.06
C MET A 595 -36.46 -6.83 7.14
N THR A 596 -37.04 -6.81 8.33
CA THR A 596 -38.40 -6.34 8.45
C THR A 596 -38.42 -4.94 9.02
N LEU A 597 -39.57 -4.26 8.93
CA LEU A 597 -39.76 -2.99 9.63
C LEU A 597 -39.49 -3.17 11.12
N ASP A 598 -40.03 -4.23 11.68
CA ASP A 598 -39.83 -4.54 13.09
C ASP A 598 -38.34 -4.56 13.38
N ASP A 599 -37.57 -5.15 12.48
CA ASP A 599 -36.12 -5.19 12.61
C ASP A 599 -35.55 -3.77 12.57
N LEU A 600 -35.97 -3.02 11.57
CA LEU A 600 -35.46 -1.68 11.35
C LEU A 600 -35.74 -0.79 12.53
N GLU A 601 -36.94 -0.90 13.09
CA GLU A 601 -37.31 -0.12 14.26
C GLU A 601 -36.33 -0.40 15.40
N GLN A 602 -36.09 -1.69 15.66
CA GLN A 602 -35.16 -2.12 16.71
C GLN A 602 -33.77 -1.58 16.46
N LEU A 603 -33.40 -1.51 15.19
CA LEU A 603 -32.07 -1.06 14.80
C LEU A 603 -31.83 0.41 15.12
N ARG A 604 -32.83 1.25 14.87
CA ARG A 604 -32.68 2.68 15.13
C ARG A 604 -32.33 3.04 16.58
N GLY A 605 -32.74 2.19 17.54
CA GLY A 605 -32.48 2.45 18.96
C GLY A 605 -31.03 2.37 19.38
N VAL B 2 48.78 -1.77 5.73
CA VAL B 2 47.38 -2.19 5.75
C VAL B 2 46.79 -2.11 7.15
N PRO B 3 45.80 -1.24 7.35
CA PRO B 3 45.20 -1.11 8.67
C PRO B 3 44.37 -2.36 8.96
N GLN B 4 44.46 -2.85 10.19
CA GLN B 4 43.74 -4.05 10.57
C GLN B 4 42.51 -3.69 11.39
N TRP B 5 41.39 -4.37 11.14
CA TRP B 5 40.11 -4.00 11.77
C TRP B 5 40.06 -4.12 13.30
N GLU B 6 40.71 -5.14 13.87
CA GLU B 6 40.60 -5.40 15.31
C GLU B 6 40.95 -4.19 16.18
N VAL B 7 41.78 -3.29 15.66
CA VAL B 7 42.23 -2.18 16.49
C VAL B 7 41.38 -0.95 16.37
N PHE B 8 40.57 -0.87 15.33
CA PHE B 8 39.66 0.25 15.18
C PHE B 8 38.36 -0.02 15.96
N PHE B 9 37.92 -1.28 16.01
CA PHE B 9 36.69 -1.62 16.68
C PHE B 9 36.89 -1.79 18.16
N LYS B 10 37.56 -2.88 18.53
CA LYS B 10 37.82 -3.10 19.94
C LYS B 10 38.91 -2.16 20.45
N ARG B 11 38.64 -0.86 20.24
CA ARG B 11 39.43 0.28 20.69
C ARG B 11 38.81 1.56 20.13
PG ATP C . -7.94 4.14 2.78
O1G ATP C . -8.31 4.72 4.12
O2G ATP C . -7.79 5.21 1.74
O3G ATP C . -6.79 3.14 2.81
PB ATP C . -9.21 2.16 1.15
O1B ATP C . -8.76 0.83 1.72
O2B ATP C . -10.48 2.24 0.35
O3B ATP C . -9.23 3.26 2.34
PA ATP C . -6.79 2.01 -0.30
O1A ATP C . -6.22 1.22 0.85
O2A ATP C . -7.20 1.29 -1.56
O3A ATP C . -8.06 2.82 0.24
O5' ATP C . -5.75 3.19 -0.65
C5' ATP C . -6.18 4.53 -0.92
C4' ATP C . -5.07 5.53 -0.63
O4' ATP C . -4.48 6.02 -1.84
C3' ATP C . -5.53 6.79 0.10
O3' ATP C . -5.55 6.66 1.52
C2' ATP C . -4.52 7.83 -0.33
O2' ATP C . -3.38 7.76 0.53
C1' ATP C . -4.14 7.40 -1.73
N9 ATP C . -4.98 8.18 -2.67
C8 ATP C . -6.11 7.72 -3.25
N7 ATP C . -6.67 8.67 -4.06
C5 ATP C . -5.91 9.77 -3.98
C6 ATP C . -5.93 11.12 -4.58
N6 ATP C . -6.92 11.50 -5.43
N1 ATP C . -4.93 11.97 -4.26
C2 ATP C . -3.96 11.61 -3.41
N3 ATP C . -3.86 10.40 -2.82
C4 ATP C . -4.79 9.45 -3.06
S SO4 D . -0.98 0.87 -2.38
O1 SO4 D . -1.55 1.99 -1.64
O2 SO4 D . -2.01 0.14 -3.11
O3 SO4 D . 0.02 1.36 -3.33
O4 SO4 D . -0.35 -0.05 -1.43
S SO4 E . 4.58 -2.24 -2.26
O1 SO4 E . 3.48 -1.65 -1.52
O2 SO4 E . 4.07 -2.98 -3.41
O3 SO4 E . 5.48 -1.19 -2.69
O4 SO4 E . 5.31 -3.18 -1.41
S SO4 F . 6.51 -6.69 -11.56
O1 SO4 F . 5.23 -6.20 -11.05
O2 SO4 F . 6.27 -7.58 -12.68
O3 SO4 F . 7.34 -5.57 -12.02
O4 SO4 F . 7.20 -7.40 -10.48
S SO4 G . 8.82 -6.67 -7.17
O1 SO4 G . 8.05 -6.05 -8.24
O2 SO4 G . 8.89 -8.12 -7.41
O3 SO4 G . 10.16 -6.11 -7.15
O4 SO4 G . 8.18 -6.42 -5.88
S SO4 H . 12.98 5.70 19.22
O1 SO4 H . 11.65 5.15 19.07
O2 SO4 H . 13.89 4.99 18.31
O3 SO4 H . 12.97 7.11 18.85
O4 SO4 H . 13.45 5.54 20.60
S SO4 I . 32.43 7.49 -0.75
O1 SO4 I . 31.59 6.35 -1.08
O2 SO4 I . 32.73 8.27 -1.95
O3 SO4 I . 31.74 8.35 0.21
O4 SO4 I . 33.68 7.02 -0.15
S SO4 J . -47.16 -2.27 -18.58
O1 SO4 J . -48.56 -1.91 -18.57
O2 SO4 J . -46.65 -2.22 -19.96
O3 SO4 J . -46.40 -1.32 -17.78
O4 SO4 J . -47.03 -3.61 -18.04
S SO4 K . -3.23 4.83 4.05
O1 SO4 K . -3.51 4.12 5.30
O2 SO4 K . -3.57 6.24 4.17
O3 SO4 K . -1.80 4.71 3.73
O4 SO4 K . -4.02 4.22 2.98
S SO4 L . 19.86 -17.37 -14.62
O1 SO4 L . 19.81 -18.59 -15.41
O2 SO4 L . 18.59 -16.65 -14.72
O3 SO4 L . 20.11 -17.69 -13.21
O4 SO4 L . 20.94 -16.52 -15.12
S SO4 M . -47.16 6.65 -15.01
O1 SO4 M . -47.53 6.22 -16.36
O2 SO4 M . -47.30 8.10 -14.88
O3 SO4 M . -48.05 6.00 -14.05
O4 SO4 M . -45.77 6.29 -14.72
S SO4 N . -47.49 9.96 -5.79
O1 SO4 N . -48.74 10.69 -5.97
O2 SO4 N . -47.42 8.88 -6.78
O3 SO4 N . -46.37 10.88 -6.00
O4 SO4 N . -47.43 9.41 -4.45
S SO4 O . 19.91 13.73 -4.50
O1 SO4 O . 18.74 14.62 -4.53
O2 SO4 O . 19.57 12.42 -5.04
O3 SO4 O . 20.99 14.32 -5.28
O4 SO4 O . 20.36 13.60 -3.12
S SO4 P . 15.88 -27.76 -6.69
O1 SO4 P . 14.85 -27.06 -7.46
O2 SO4 P . 15.93 -29.16 -7.10
O3 SO4 P . 17.19 -27.13 -6.91
O4 SO4 P . 15.52 -27.69 -5.27
S SO4 Q . -3.62 -3.57 -10.96
O1 SO4 Q . -4.45 -2.75 -10.08
O2 SO4 Q . -3.96 -3.28 -12.36
O3 SO4 Q . -2.21 -3.26 -10.73
O4 SO4 Q . -3.84 -4.99 -10.68
S SO4 R . -22.83 1.11 -14.48
O1 SO4 R . -23.78 0.18 -13.88
O2 SO4 R . -22.88 0.99 -15.93
O3 SO4 R . -23.19 2.47 -14.09
O4 SO4 R . -21.47 0.79 -14.01
#